data_5XXJ
#
_entry.id   5XXJ
#
_cell.length_a   61.386
_cell.length_b   66.450
_cell.length_c   108.042
_cell.angle_alpha   90.000
_cell.angle_beta   90.000
_cell.angle_gamma   90.000
#
_symmetry.space_group_name_H-M   'P 21 21 21'
#
loop_
_entity.id
_entity.type
_entity.pdbx_description
1 polymer SMYD3
2 non-polymer 'ZINC ION'
3 non-polymer 'propyl (2~{R})-4-[4-chloranyl-2-[4-(2-oxidanylpropan-2-yl)phenyl]quinolin-7-yl]carbonyl-2-methyl-piperazine-1-carboxylate'
4 non-polymer S-ADENOSYLMETHIONINE
5 water water
#
_entity_poly.entity_id   1
_entity_poly.type   'polypeptide(L)'
_entity_poly.pdbx_seq_one_letter_code
;PLKVEKFATANRGNGLRAVTPLRPGELLFRSDPLAYTVCKGSRGVVCDRCLLGKEKLMRCSQCRVAKYCSAKCQKKAWPD
HKRECKCLKSCKPRYPPDSVRLLGRVVFKLMDGAPSESEKLYSFYDLESNINKLTEDRKEGLRQLVMTFQHFMREEIQDA
SQLPPAFDLFEAFAKVICNSFTICNAEMQEVGVGLYPSISLLNHSCDPNCSIVFNGPHLLLRAVRDIEVGEELTICYLDM
LMTSEERRKQLRDQYCFECDCFRCQTQDKDADMLTGDEQVWKEVQESLKKIEELKAHWKWEQVLAMCQAIISSNSERLPD
INIYQLKVLDCAMDACINLGLLEEALFYGTRTMEPYRIFFPGSHPVRGVQVMKVGKLQLHQGMFPQAMKNLRLAFDIMRV
THGREHSLIEDLILLLEECDANI
;
_entity_poly.pdbx_strand_id   A
#
loop_
_chem_comp.id
_chem_comp.type
_chem_comp.name
_chem_comp.formula
8HF non-polymer 'propyl (2~{R})-4-[4-chloranyl-2-[4-(2-oxidanylpropan-2-yl)phenyl]quinolin-7-yl]carbonyl-2-methyl-piperazine-1-carboxylate' 'C28 H32 Cl N3 O4'
SAM non-polymer S-ADENOSYLMETHIONINE 'C15 H22 N6 O5 S'
ZN non-polymer 'ZINC ION' 'Zn 2'
#
# COMPACT_ATOMS: atom_id res chain seq x y z
N PRO A 1 -16.53 -22.76 -0.01
CA PRO A 1 -17.70 -21.88 -0.02
C PRO A 1 -17.33 -20.44 0.30
N LEU A 2 -17.57 -19.52 -0.64
CA LEU A 2 -17.19 -18.14 -0.42
C LEU A 2 -18.13 -17.49 0.59
N LYS A 3 -17.56 -16.59 1.38
CA LYS A 3 -18.31 -15.78 2.32
C LYS A 3 -18.72 -14.43 1.74
N VAL A 4 -18.31 -14.15 0.50
CA VAL A 4 -18.54 -12.87 -0.15
C VAL A 4 -19.10 -13.14 -1.54
N GLU A 5 -19.81 -12.15 -2.07
CA GLU A 5 -20.37 -12.26 -3.41
C GLU A 5 -20.41 -10.90 -4.08
N LYS A 6 -20.18 -10.90 -5.40
CA LYS A 6 -20.37 -9.71 -6.21
C LYS A 6 -21.86 -9.34 -6.29
N PHE A 7 -22.15 -8.03 -6.31
CA PHE A 7 -23.51 -7.59 -6.54
C PHE A 7 -23.50 -6.19 -7.14
N ALA A 8 -24.63 -5.81 -7.72
CA ALA A 8 -24.81 -4.49 -8.28
C ALA A 8 -25.37 -3.55 -7.21
N THR A 9 -24.61 -2.51 -6.88
CA THR A 9 -25.06 -1.56 -5.89
C THR A 9 -26.05 -0.58 -6.51
N ALA A 10 -26.71 0.18 -5.64
CA ALA A 10 -27.69 1.15 -6.13
C ALA A 10 -27.01 2.32 -6.82
N ASN A 11 -25.84 2.78 -6.32
CA ASN A 11 -25.26 3.98 -6.89
C ASN A 11 -23.73 4.01 -6.85
N ARG A 12 -23.07 2.88 -6.66
CA ARG A 12 -21.61 2.89 -6.76
C ARG A 12 -21.15 1.68 -7.55
N GLY A 13 -21.87 1.34 -8.61
CA GLY A 13 -21.39 0.30 -9.50
C GLY A 13 -21.52 -1.07 -8.87
N ASN A 14 -20.59 -1.96 -9.24
CA ASN A 14 -20.57 -3.27 -8.60
C ASN A 14 -19.86 -3.19 -7.25
N GLY A 15 -20.17 -4.15 -6.39
CA GLY A 15 -19.54 -4.22 -5.08
C GLY A 15 -19.50 -5.65 -4.58
N LEU A 16 -19.01 -5.80 -3.35
CA LEU A 16 -18.95 -7.07 -2.64
C LEU A 16 -19.84 -6.98 -1.42
N ARG A 17 -20.60 -8.03 -1.15
CA ARG A 17 -21.42 -8.07 0.05
C ARG A 17 -21.26 -9.42 0.73
N ALA A 18 -21.60 -9.46 2.02
CA ALA A 18 -21.44 -10.68 2.80
C ALA A 18 -22.53 -11.68 2.46
N VAL A 19 -22.14 -12.94 2.27
CA VAL A 19 -23.09 -14.03 2.07
C VAL A 19 -23.55 -14.62 3.40
N THR A 20 -22.71 -14.56 4.42
CA THR A 20 -22.90 -15.11 5.75
C THR A 20 -22.51 -14.05 6.75
N PRO A 21 -22.97 -14.15 8.02
CA PRO A 21 -22.52 -13.19 9.02
C PRO A 21 -21.02 -13.30 9.24
N LEU A 22 -20.36 -12.15 9.40
CA LEU A 22 -18.91 -12.12 9.53
C LEU A 22 -18.50 -11.47 10.84
N ARG A 23 -17.44 -11.97 11.43
CA ARG A 23 -16.89 -11.47 12.68
C ARG A 23 -15.55 -10.79 12.45
N PRO A 24 -15.16 -9.86 13.32
CA PRO A 24 -13.85 -9.22 13.20
C PRO A 24 -12.73 -10.24 13.13
N GLY A 25 -11.87 -10.10 12.12
CA GLY A 25 -10.75 -10.96 11.93
C GLY A 25 -11.00 -12.10 10.96
N GLU A 26 -12.24 -12.31 10.55
CA GLU A 26 -12.54 -13.40 9.64
C GLU A 26 -11.88 -13.18 8.29
N LEU A 27 -11.14 -14.18 7.81
CA LEU A 27 -10.56 -14.11 6.48
C LEU A 27 -11.66 -14.23 5.43
N LEU A 28 -11.74 -13.25 4.53
CA LEU A 28 -12.83 -13.23 3.55
C LEU A 28 -12.38 -13.67 2.17
N PHE A 29 -11.12 -13.43 1.82
CA PHE A 29 -10.61 -13.70 0.49
C PHE A 29 -9.09 -13.54 0.56
N ARG A 30 -8.37 -14.33 -0.23
CA ARG A 30 -6.94 -14.13 -0.43
C ARG A 30 -6.62 -14.25 -1.91
N SER A 31 -5.60 -13.52 -2.33
CA SER A 31 -5.36 -13.41 -3.76
C SER A 31 -3.91 -13.08 -4.02
N ASP A 32 -3.32 -13.77 -4.99
CA ASP A 32 -2.11 -13.30 -5.65
C ASP A 32 -2.50 -12.25 -6.68
N PRO A 33 -1.57 -11.42 -7.12
CA PRO A 33 -1.90 -10.42 -8.14
C PRO A 33 -2.14 -11.08 -9.50
N LEU A 34 -2.97 -10.42 -10.30
CA LEU A 34 -2.96 -10.73 -11.74
C LEU A 34 -1.62 -10.35 -12.33
N ALA A 35 -1.10 -9.17 -11.95
CA ALA A 35 0.21 -8.70 -12.35
C ALA A 35 0.67 -7.72 -11.29
N TYR A 36 1.98 -7.61 -11.11
CA TYR A 36 2.55 -6.66 -10.17
C TYR A 36 4.00 -6.37 -10.56
N THR A 37 4.50 -5.27 -10.01
CA THR A 37 5.89 -4.89 -10.21
C THR A 37 6.38 -4.13 -8.99
N VAL A 38 7.71 -4.15 -8.80
CA VAL A 38 8.34 -3.28 -7.82
C VAL A 38 8.19 -1.83 -8.24
N CYS A 39 8.17 -0.91 -7.28
CA CYS A 39 8.05 0.49 -7.63
CA CYS A 39 8.07 0.52 -7.54
C CYS A 39 9.43 1.12 -7.82
N LYS A 40 9.42 2.25 -8.54
CA LYS A 40 10.66 2.94 -8.93
C LYS A 40 11.66 3.02 -7.78
N GLY A 41 11.21 3.50 -6.62
CA GLY A 41 12.10 3.73 -5.51
C GLY A 41 12.64 2.49 -4.83
N SER A 42 11.95 1.36 -4.97
CA SER A 42 12.42 0.12 -4.36
C SER A 42 13.13 -0.78 -5.35
N ARG A 43 13.17 -0.40 -6.63
CA ARG A 43 13.87 -1.19 -7.64
C ARG A 43 15.34 -1.32 -7.24
N GLY A 44 15.82 -2.56 -7.15
CA GLY A 44 17.17 -2.79 -6.69
C GLY A 44 17.35 -2.74 -5.19
N VAL A 45 16.29 -2.45 -4.44
CA VAL A 45 16.34 -2.56 -2.98
C VAL A 45 15.60 -3.81 -2.50
N VAL A 46 14.47 -4.15 -3.12
CA VAL A 46 13.74 -5.36 -2.76
C VAL A 46 13.73 -6.30 -3.95
N CYS A 47 13.55 -7.58 -3.63
CA CYS A 47 13.48 -8.61 -4.66
C CYS A 47 12.28 -8.36 -5.58
N ASP A 48 12.53 -8.37 -6.89
CA ASP A 48 11.45 -8.21 -7.87
C ASP A 48 10.31 -9.20 -7.67
N ARG A 49 10.61 -10.41 -7.21
CA ARG A 49 9.56 -11.40 -7.08
C ARG A 49 8.88 -11.32 -5.71
N CYS A 50 9.64 -11.49 -4.63
CA CYS A 50 9.02 -11.66 -3.32
C CYS A 50 8.88 -10.36 -2.54
N LEU A 51 9.45 -9.26 -3.05
CA LEU A 51 9.34 -7.91 -2.47
C LEU A 51 9.93 -7.82 -1.07
N LEU A 52 10.88 -8.70 -0.75
CA LEU A 52 11.61 -8.63 0.51
C LEU A 52 12.92 -7.87 0.30
N GLY A 53 13.29 -7.07 1.30
CA GLY A 53 14.49 -6.28 1.20
C GLY A 53 15.75 -7.09 1.50
N LYS A 54 16.83 -6.71 0.82
CA LYS A 54 18.14 -7.31 1.02
C LYS A 54 19.21 -6.26 0.77
N GLU A 55 20.40 -6.52 1.31
CA GLU A 55 21.53 -5.62 1.10
C GLU A 55 22.26 -5.89 -0.21
N LYS A 56 22.18 -7.11 -0.73
CA LYS A 56 22.79 -7.47 -2.00
C LYS A 56 21.81 -8.28 -2.81
N LEU A 57 21.49 -7.80 -4.02
CA LEU A 57 20.57 -8.48 -4.93
C LEU A 57 21.31 -8.94 -6.18
N MET A 58 20.83 -10.05 -6.76
CA MET A 58 21.33 -10.52 -8.04
C MET A 58 20.51 -9.91 -9.15
N ARG A 59 21.17 -9.47 -10.22
CA ARG A 59 20.47 -8.84 -11.32
C ARG A 59 20.31 -9.79 -12.50
N CYS A 60 19.21 -9.60 -13.24
CA CYS A 60 19.02 -10.35 -14.47
C CYS A 60 20.12 -9.99 -15.45
N SER A 61 20.80 -11.00 -15.98
CA SER A 61 21.94 -10.70 -16.84
C SER A 61 21.51 -10.09 -18.16
N GLN A 62 20.32 -10.44 -18.65
CA GLN A 62 19.91 -9.94 -19.96
C GLN A 62 19.54 -8.46 -19.90
N CYS A 63 18.62 -8.09 -19.02
CA CYS A 63 18.17 -6.71 -18.97
C CYS A 63 18.87 -5.88 -17.90
N ARG A 64 19.38 -6.53 -16.85
CA ARG A 64 20.05 -5.87 -15.72
C ARG A 64 19.16 -4.85 -15.02
N VAL A 65 17.85 -4.98 -15.18
CA VAL A 65 16.88 -4.14 -14.49
C VAL A 65 16.15 -4.89 -13.41
N ALA A 66 15.69 -6.11 -13.70
CA ALA A 66 15.10 -6.95 -12.67
C ALA A 66 16.17 -7.42 -11.70
N LYS A 67 15.86 -7.42 -10.40
CA LYS A 67 16.82 -7.87 -9.39
C LYS A 67 16.11 -8.75 -8.38
N TYR A 68 16.87 -9.68 -7.81
CA TYR A 68 16.27 -10.79 -7.07
C TYR A 68 17.09 -11.11 -5.83
N CYS A 69 16.45 -11.84 -4.91
CA CYS A 69 17.03 -12.21 -3.62
C CYS A 69 17.75 -13.56 -3.66
N SER A 70 17.56 -14.34 -4.70
CA SER A 70 17.97 -15.74 -4.71
C SER A 70 17.81 -16.28 -6.12
N ALA A 71 18.54 -17.35 -6.41
CA ALA A 71 18.37 -18.02 -7.69
C ALA A 71 16.94 -18.50 -7.87
N LYS A 72 16.32 -18.98 -6.78
CA LYS A 72 14.94 -19.45 -6.86
C LYS A 72 14.01 -18.33 -7.31
N CYS A 73 14.11 -17.15 -6.69
CA CYS A 73 13.24 -16.05 -7.08
C CYS A 73 13.53 -15.61 -8.51
N GLN A 74 14.81 -15.52 -8.88
CA GLN A 74 15.13 -15.12 -10.25
C GLN A 74 14.57 -16.11 -11.26
N LYS A 75 14.71 -17.40 -10.97
CA LYS A 75 14.23 -18.43 -11.88
C LYS A 75 12.71 -18.48 -11.90
N LYS A 76 12.07 -18.45 -10.73
CA LYS A 76 10.62 -18.57 -10.67
C LYS A 76 9.92 -17.39 -11.33
N ALA A 77 10.58 -16.23 -11.38
CA ALA A 77 10.03 -15.05 -12.01
C ALA A 77 10.20 -15.06 -13.52
N TRP A 78 11.10 -15.91 -14.03
CA TRP A 78 11.45 -15.86 -15.45
C TRP A 78 10.24 -15.91 -16.36
N PRO A 79 9.29 -16.84 -16.22
CA PRO A 79 8.14 -16.84 -17.14
C PRO A 79 7.43 -15.49 -17.22
N ASP A 80 7.12 -14.89 -16.08
CA ASP A 80 6.43 -13.59 -16.05
C ASP A 80 7.33 -12.42 -16.39
N HIS A 81 8.65 -12.64 -16.47
CA HIS A 81 9.59 -11.58 -16.81
C HIS A 81 10.16 -11.72 -18.22
N LYS A 82 9.98 -12.87 -18.86
CA LYS A 82 10.68 -13.18 -20.12
C LYS A 82 10.39 -12.15 -21.20
N ARG A 83 9.11 -11.79 -21.38
CA ARG A 83 8.78 -10.91 -22.50
C ARG A 83 9.09 -9.45 -22.17
N GLU A 84 8.89 -9.03 -20.92
CA GLU A 84 9.27 -7.69 -20.53
C GLU A 84 10.78 -7.50 -20.55
N CYS A 85 11.54 -8.59 -20.42
CA CYS A 85 13.00 -8.48 -20.42
C CYS A 85 13.51 -7.86 -21.72
N LYS A 86 12.99 -8.33 -22.85
CA LYS A 86 13.40 -7.78 -24.14
C LYS A 86 13.09 -6.29 -24.23
N CYS A 87 11.94 -5.87 -23.71
CA CYS A 87 11.55 -4.46 -23.78
C CYS A 87 12.42 -3.61 -22.87
N LEU A 88 12.65 -4.07 -21.63
CA LEU A 88 13.48 -3.32 -20.69
C LEU A 88 14.91 -3.14 -21.22
N LYS A 89 15.44 -4.15 -21.91
CA LYS A 89 16.76 -4.02 -22.50
C LYS A 89 16.80 -2.91 -23.54
N SER A 90 15.88 -2.95 -24.52
CA SER A 90 15.89 -2.01 -25.62
C SER A 90 15.36 -0.64 -25.23
N CYS A 91 15.48 -0.27 -23.95
CA CYS A 91 14.99 1.02 -23.51
CA CYS A 91 14.96 0.99 -23.45
C CYS A 91 15.90 1.66 -22.45
N LYS A 92 17.07 1.10 -22.19
CA LYS A 92 17.99 1.72 -21.24
C LYS A 92 18.56 3.01 -21.81
N PRO A 93 18.78 4.05 -20.98
CA PRO A 93 18.40 4.09 -19.56
C PRO A 93 17.05 4.76 -19.30
N ARG A 94 16.09 4.62 -20.20
CA ARG A 94 14.77 5.23 -20.03
C ARG A 94 13.85 4.19 -19.38
N TYR A 95 13.66 4.31 -18.07
CA TYR A 95 12.77 3.40 -17.35
C TYR A 95 11.33 3.86 -17.49
N PRO A 96 10.39 2.96 -17.76
CA PRO A 96 8.99 3.37 -17.95
C PRO A 96 8.32 3.70 -16.62
N PRO A 97 7.23 4.46 -16.66
CA PRO A 97 6.43 4.64 -15.44
C PRO A 97 5.97 3.29 -14.92
N ASP A 98 5.73 3.23 -13.61
CA ASP A 98 5.28 1.97 -13.00
C ASP A 98 4.02 1.44 -13.66
N SER A 99 3.06 2.32 -13.96
CA SER A 99 1.82 1.86 -14.59
C SER A 99 2.09 1.19 -15.93
N VAL A 100 3.09 1.66 -16.67
CA VAL A 100 3.43 1.08 -17.97
C VAL A 100 4.00 -0.32 -17.77
N ARG A 101 4.94 -0.47 -16.84
CA ARG A 101 5.49 -1.79 -16.54
C ARG A 101 4.40 -2.74 -16.07
N LEU A 102 3.49 -2.23 -15.25
CA LEU A 102 2.38 -3.04 -14.76
C LEU A 102 1.48 -3.51 -15.90
N LEU A 103 1.09 -2.60 -16.79
CA LEU A 103 0.20 -2.99 -17.86
C LEU A 103 0.88 -3.96 -18.82
N GLY A 104 2.20 -3.81 -19.00
CA GLY A 104 2.92 -4.78 -19.80
C GLY A 104 2.77 -6.18 -19.23
N ARG A 105 2.93 -6.31 -17.92
CA ARG A 105 2.77 -7.61 -17.29
C ARG A 105 1.33 -8.11 -17.37
N VAL A 106 0.35 -7.20 -17.29
CA VAL A 106 -1.04 -7.60 -17.54
C VAL A 106 -1.17 -8.22 -18.92
N VAL A 107 -0.63 -7.55 -19.93
CA VAL A 107 -0.79 -8.01 -21.31
C VAL A 107 -0.16 -9.40 -21.47
N PHE A 108 1.06 -9.59 -20.96
CA PHE A 108 1.69 -10.88 -21.14
C PHE A 108 0.97 -11.96 -20.36
N LYS A 109 0.44 -11.62 -19.19
CA LYS A 109 -0.32 -12.59 -18.40
C LYS A 109 -1.60 -13.01 -19.11
N LEU A 110 -2.32 -12.05 -19.70
CA LEU A 110 -3.57 -12.38 -20.37
C LEU A 110 -3.34 -13.14 -21.67
N MET A 111 -2.24 -12.85 -22.37
CA MET A 111 -1.95 -13.50 -23.64
C MET A 111 -1.38 -14.91 -23.46
N ASP A 112 -0.44 -15.07 -22.53
CA ASP A 112 0.35 -16.30 -22.45
C ASP A 112 0.06 -17.15 -21.22
N GLY A 113 -0.63 -16.62 -20.23
CA GLY A 113 -0.89 -17.33 -19.00
C GLY A 113 -2.28 -17.91 -18.94
N ALA A 114 -2.42 -18.99 -18.18
CA ALA A 114 -3.72 -19.60 -17.93
C ALA A 114 -4.62 -18.62 -17.19
N PRO A 115 -5.94 -18.81 -17.22
CA PRO A 115 -6.83 -17.95 -16.45
C PRO A 115 -6.41 -17.87 -14.99
N SER A 116 -6.37 -16.65 -14.47
CA SER A 116 -5.77 -16.37 -13.18
C SER A 116 -6.82 -16.52 -12.08
N GLU A 117 -6.41 -17.10 -10.94
CA GLU A 117 -7.30 -17.18 -9.80
C GLU A 117 -7.65 -15.81 -9.27
N SER A 118 -6.80 -14.81 -9.53
CA SER A 118 -7.08 -13.44 -9.10
C SER A 118 -8.34 -12.87 -9.75
N GLU A 119 -8.80 -13.45 -10.85
CA GLU A 119 -9.97 -12.96 -11.56
C GLU A 119 -11.24 -13.77 -11.27
N LYS A 120 -11.22 -14.58 -10.21
CA LYS A 120 -12.35 -15.48 -9.94
C LYS A 120 -13.68 -14.74 -9.83
N LEU A 121 -13.70 -13.58 -9.15
CA LEU A 121 -14.97 -12.86 -8.94
C LEU A 121 -15.20 -11.74 -9.95
N TYR A 122 -14.15 -11.30 -10.63
CA TYR A 122 -14.14 -10.08 -11.42
C TYR A 122 -12.84 -10.08 -12.19
N SER A 123 -12.90 -9.76 -13.48
CA SER A 123 -11.72 -9.84 -14.33
C SER A 123 -11.19 -8.45 -14.66
N PHE A 124 -9.98 -8.41 -15.25
CA PHE A 124 -9.47 -7.15 -15.75
C PHE A 124 -10.44 -6.52 -16.74
N TYR A 125 -11.07 -7.35 -17.58
CA TYR A 125 -12.04 -6.84 -18.55
C TYR A 125 -13.23 -6.17 -17.88
N ASP A 126 -13.58 -6.61 -16.68
CA ASP A 126 -14.75 -6.10 -15.96
C ASP A 126 -14.47 -4.80 -15.23
N LEU A 127 -13.21 -4.45 -15.03
CA LEU A 127 -12.87 -3.35 -14.12
C LEU A 127 -13.47 -2.02 -14.57
N GLU A 128 -13.82 -1.22 -13.57
CA GLU A 128 -14.35 0.12 -13.83
C GLU A 128 -13.27 1.01 -14.41
N SER A 129 -13.61 1.74 -15.48
CA SER A 129 -12.70 2.70 -16.10
C SER A 129 -13.06 4.16 -15.84
N ASN A 130 -14.31 4.45 -15.49
CA ASN A 130 -14.77 5.83 -15.24
C ASN A 130 -14.51 6.76 -16.42
N ILE A 131 -14.51 6.22 -17.63
CA ILE A 131 -14.08 7.01 -18.77
C ILE A 131 -14.99 8.20 -18.99
N ASN A 132 -16.28 8.05 -18.70
CA ASN A 132 -17.20 9.17 -18.93
C ASN A 132 -17.16 10.21 -17.83
N LYS A 133 -16.32 10.03 -16.83
CA LYS A 133 -16.10 11.05 -15.79
C LYS A 133 -14.73 11.70 -15.88
N LEU A 134 -13.82 11.19 -16.70
CA LEU A 134 -12.48 11.74 -16.78
C LEU A 134 -12.51 13.15 -17.36
N THR A 135 -11.72 14.03 -16.75
CA THR A 135 -11.52 15.36 -17.31
C THR A 135 -10.63 15.30 -18.54
N GLU A 136 -10.69 16.35 -19.36
CA GLU A 136 -9.83 16.41 -20.54
C GLU A 136 -8.36 16.37 -20.14
N ASP A 137 -8.01 16.95 -18.99
CA ASP A 137 -6.62 16.88 -18.53
C ASP A 137 -6.20 15.45 -18.29
N ARG A 138 -7.05 14.68 -17.61
CA ARG A 138 -6.75 13.27 -17.35
C ARG A 138 -6.68 12.47 -18.64
N LYS A 139 -7.58 12.73 -19.59
CA LYS A 139 -7.53 11.98 -20.85
C LYS A 139 -6.23 12.24 -21.61
N GLU A 140 -5.76 13.50 -21.60
CA GLU A 140 -4.48 13.81 -22.24
C GLU A 140 -3.35 13.02 -21.58
N GLY A 141 -3.35 12.96 -20.25
CA GLY A 141 -2.34 12.18 -19.55
C GLY A 141 -2.38 10.71 -19.93
N LEU A 142 -3.60 10.17 -20.05
CA LEU A 142 -3.75 8.76 -20.46
C LEU A 142 -3.25 8.55 -21.87
N ARG A 143 -3.49 9.52 -22.77
CA ARG A 143 -3.00 9.35 -24.13
C ARG A 143 -1.48 9.33 -24.17
N GLN A 144 -0.82 10.07 -23.28
CA GLN A 144 0.65 10.01 -23.22
C GLN A 144 1.12 8.67 -22.65
N LEU A 145 0.38 8.10 -21.69
CA LEU A 145 0.72 6.77 -21.18
C LEU A 145 0.58 5.72 -22.27
N VAL A 146 -0.48 5.81 -23.08
CA VAL A 146 -0.65 4.89 -24.20
C VAL A 146 0.57 4.92 -25.12
N MET A 147 1.00 6.12 -25.51
CA MET A 147 2.14 6.21 -26.41
C MET A 147 3.43 5.78 -25.72
N THR A 148 3.55 6.02 -24.42
CA THR A 148 4.71 5.51 -23.68
C THR A 148 4.75 3.99 -23.69
N PHE A 149 3.60 3.36 -23.46
CA PHE A 149 3.48 1.90 -23.55
C PHE A 149 3.87 1.40 -24.94
N GLN A 150 3.34 2.04 -25.99
CA GLN A 150 3.65 1.61 -27.34
C GLN A 150 5.15 1.67 -27.61
N HIS A 151 5.82 2.68 -27.07
CA HIS A 151 7.27 2.80 -27.22
C HIS A 151 8.00 1.73 -26.42
N PHE A 152 7.65 1.59 -25.14
CA PHE A 152 8.34 0.62 -24.27
C PHE A 152 8.16 -0.81 -24.77
N MET A 153 7.00 -1.14 -25.32
CA MET A 153 6.67 -2.51 -25.65
C MET A 153 6.95 -2.87 -27.11
N ARG A 154 7.53 -1.95 -27.88
CA ARG A 154 7.57 -2.10 -29.34
C ARG A 154 8.25 -3.39 -29.78
N GLU A 155 9.17 -3.94 -28.98
CA GLU A 155 9.84 -5.15 -29.41
C GLU A 155 9.01 -6.41 -29.21
N GLU A 156 8.05 -6.40 -28.29
CA GLU A 156 7.22 -7.58 -28.05
C GLU A 156 5.80 -7.44 -28.59
N ILE A 157 5.29 -6.23 -28.72
CA ILE A 157 3.94 -5.99 -29.19
C ILE A 157 4.03 -4.97 -30.31
N GLN A 158 3.73 -5.40 -31.54
CA GLN A 158 3.75 -4.52 -32.70
C GLN A 158 2.37 -4.15 -33.21
N ASP A 159 1.35 -4.98 -32.97
CA ASP A 159 0.02 -4.75 -33.52
C ASP A 159 -1.02 -5.34 -32.57
N ALA A 160 -2.29 -5.13 -32.91
CA ALA A 160 -3.38 -5.55 -32.04
C ALA A 160 -3.49 -7.07 -31.93
N SER A 161 -2.94 -7.82 -32.89
CA SER A 161 -2.99 -9.28 -32.81
C SER A 161 -2.10 -9.82 -31.70
N GLN A 162 -1.19 -9.01 -31.17
CA GLN A 162 -0.39 -9.39 -30.02
C GLN A 162 -0.99 -8.93 -28.70
N LEU A 163 -2.11 -8.19 -28.74
CA LEU A 163 -2.87 -7.83 -27.56
C LEU A 163 -4.10 -8.72 -27.44
N PRO A 164 -4.67 -8.85 -26.25
CA PRO A 164 -5.92 -9.60 -26.11
C PRO A 164 -7.00 -9.06 -27.03
N PRO A 165 -8.02 -9.86 -27.33
CA PRO A 165 -9.06 -9.39 -28.26
C PRO A 165 -9.84 -8.24 -27.68
N ALA A 166 -10.09 -7.22 -28.53
CA ALA A 166 -10.82 -6.02 -28.15
C ALA A 166 -10.17 -5.29 -26.97
N PHE A 167 -8.83 -5.36 -26.89
CA PHE A 167 -8.06 -4.71 -25.82
C PHE A 167 -7.70 -3.30 -26.24
N ASP A 168 -8.23 -2.32 -25.52
CA ASP A 168 -7.98 -0.91 -25.83
C ASP A 168 -7.04 -0.35 -24.76
N LEU A 169 -5.89 0.16 -25.20
CA LEU A 169 -4.85 0.58 -24.27
C LEU A 169 -5.29 1.77 -23.44
N PHE A 170 -6.03 2.72 -24.06
CA PHE A 170 -6.53 3.86 -23.30
C PHE A 170 -7.47 3.41 -22.18
N GLU A 171 -8.41 2.54 -22.51
CA GLU A 171 -9.32 2.03 -21.48
C GLU A 171 -8.56 1.22 -20.43
N ALA A 172 -7.52 0.49 -20.87
CA ALA A 172 -6.73 -0.29 -19.91
C ALA A 172 -6.00 0.61 -18.91
N PHE A 173 -5.45 1.74 -19.38
CA PHE A 173 -4.79 2.63 -18.43
C PHE A 173 -5.79 3.33 -17.54
N ALA A 174 -6.98 3.65 -18.06
CA ALA A 174 -8.02 4.21 -17.21
C ALA A 174 -8.39 3.23 -16.09
N LYS A 175 -8.46 1.93 -16.41
CA LYS A 175 -8.68 0.92 -15.39
C LYS A 175 -7.54 0.88 -14.38
N VAL A 176 -6.30 0.97 -14.84
CA VAL A 176 -5.16 0.93 -13.91
C VAL A 176 -5.23 2.09 -12.91
N ILE A 177 -5.64 3.28 -13.37
CA ILE A 177 -5.69 4.46 -12.48
C ILE A 177 -6.55 4.19 -11.26
N CYS A 178 -7.75 3.64 -11.45
CA CYS A 178 -8.66 3.52 -10.31
C CYS A 178 -8.73 2.09 -9.75
N ASN A 179 -7.86 1.19 -10.17
CA ASN A 179 -7.84 -0.16 -9.61
C ASN A 179 -6.47 -0.66 -9.20
N SER A 180 -5.43 0.18 -9.28
CA SER A 180 -4.10 -0.19 -8.80
C SER A 180 -4.08 -0.28 -7.28
N PHE A 181 -3.43 -1.31 -6.76
CA PHE A 181 -3.17 -1.45 -5.33
C PHE A 181 -1.70 -1.18 -5.04
N THR A 182 -1.43 -0.27 -4.12
CA THR A 182 -0.07 -0.13 -3.61
C THR A 182 0.24 -1.27 -2.64
N ILE A 183 1.33 -1.99 -2.89
CA ILE A 183 1.72 -3.13 -2.08
C ILE A 183 2.70 -2.64 -1.02
N CYS A 184 2.42 -2.96 0.24
CA CYS A 184 3.32 -2.58 1.31
C CYS A 184 3.95 -3.82 1.91
N ASN A 185 5.18 -3.67 2.40
CA ASN A 185 5.83 -4.77 3.08
C ASN A 185 5.33 -4.87 4.52
N ALA A 186 5.90 -5.81 5.26
CA ALA A 186 5.43 -6.06 6.62
C ALA A 186 5.54 -4.82 7.50
N GLU A 187 6.51 -3.96 7.23
CA GLU A 187 6.73 -2.73 7.98
C GLU A 187 5.89 -1.57 7.45
N MET A 188 4.98 -1.82 6.51
CA MET A 188 4.07 -0.84 5.94
C MET A 188 4.80 0.23 5.13
N GLN A 189 5.91 -0.17 4.50
CA GLN A 189 6.60 0.62 3.50
C GLN A 189 6.13 0.21 2.11
N GLU A 190 5.89 1.20 1.24
CA GLU A 190 5.46 0.92 -0.13
C GLU A 190 6.61 0.28 -0.89
N VAL A 191 6.33 -0.86 -1.52
CA VAL A 191 7.37 -1.56 -2.28
C VAL A 191 6.93 -1.97 -3.66
N GLY A 192 5.64 -2.03 -3.96
CA GLY A 192 5.20 -2.44 -5.28
C GLY A 192 3.81 -1.92 -5.60
N VAL A 193 3.34 -2.32 -6.79
CA VAL A 193 2.00 -1.99 -7.26
C VAL A 193 1.47 -3.21 -8.00
N GLY A 194 0.20 -3.54 -7.79
CA GLY A 194 -0.37 -4.72 -8.42
C GLY A 194 -1.83 -4.53 -8.75
N LEU A 195 -2.32 -5.40 -9.63
CA LEU A 195 -3.74 -5.50 -9.91
C LEU A 195 -4.29 -6.77 -9.28
N TYR A 196 -5.41 -6.63 -8.59
CA TYR A 196 -6.09 -7.73 -7.90
C TYR A 196 -7.57 -7.63 -8.26
N PRO A 197 -7.97 -8.10 -9.45
CA PRO A 197 -9.29 -7.70 -9.96
C PRO A 197 -10.47 -8.16 -9.11
N SER A 198 -10.41 -9.32 -8.43
CA SER A 198 -11.52 -9.70 -7.57
C SER A 198 -11.65 -8.75 -6.37
N ILE A 199 -10.51 -8.35 -5.81
CA ILE A 199 -10.48 -7.44 -4.67
C ILE A 199 -10.92 -6.05 -5.09
N SER A 200 -10.81 -5.72 -6.38
CA SER A 200 -11.24 -4.43 -6.90
C SER A 200 -12.75 -4.24 -6.83
N LEU A 201 -13.51 -5.27 -6.48
CA LEU A 201 -14.94 -5.08 -6.24
C LEU A 201 -15.23 -4.24 -5.00
N LEU A 202 -14.28 -4.13 -4.09
CA LEU A 202 -14.56 -3.45 -2.83
C LEU A 202 -14.71 -1.95 -3.07
N ASN A 203 -15.85 -1.40 -2.69
CA ASN A 203 -15.98 0.05 -2.71
C ASN A 203 -15.36 0.67 -1.45
N HIS A 204 -15.23 1.99 -1.49
CA HIS A 204 -14.53 2.77 -0.48
C HIS A 204 -15.45 3.25 0.62
N SER A 205 -14.92 3.27 1.85
CA SER A 205 -15.53 3.97 2.97
C SER A 205 -14.44 4.63 3.79
N CYS A 206 -14.68 5.87 4.23
CA CYS A 206 -13.78 6.51 5.18
C CYS A 206 -13.89 5.92 6.59
N ASP A 207 -14.82 4.99 6.80
CA ASP A 207 -14.94 4.24 8.06
C ASP A 207 -15.33 2.80 7.72
N PRO A 208 -14.36 2.01 7.24
CA PRO A 208 -14.67 0.75 6.56
C PRO A 208 -14.94 -0.40 7.52
N ASN A 209 -15.51 -1.48 6.97
CA ASN A 209 -15.73 -2.67 7.78
C ASN A 209 -14.80 -3.81 7.44
N CYS A 210 -13.92 -3.64 6.46
CA CYS A 210 -12.93 -4.63 6.10
C CYS A 210 -11.57 -3.95 5.97
N SER A 211 -10.53 -4.77 5.92
CA SER A 211 -9.19 -4.25 5.71
C SER A 211 -8.41 -5.25 4.87
N ILE A 212 -7.45 -4.74 4.12
CA ILE A 212 -6.51 -5.64 3.44
C ILE A 212 -5.12 -5.44 4.01
N VAL A 213 -4.32 -6.51 3.96
CA VAL A 213 -2.90 -6.49 4.30
C VAL A 213 -2.17 -7.30 3.25
N PHE A 214 -0.89 -6.98 3.06
CA PHE A 214 -0.04 -7.70 2.12
C PHE A 214 1.02 -8.50 2.86
N ASN A 215 1.27 -9.71 2.37
CA ASN A 215 2.37 -10.58 2.80
C ASN A 215 3.17 -10.87 1.54
N GLY A 216 4.21 -10.07 1.27
CA GLY A 216 4.76 -10.00 -0.06
C GLY A 216 3.67 -9.57 -1.02
N PRO A 217 3.66 -10.13 -2.24
CA PRO A 217 2.58 -9.83 -3.19
C PRO A 217 1.24 -10.41 -2.82
N HIS A 218 1.17 -11.28 -1.82
CA HIS A 218 -0.09 -11.95 -1.51
C HIS A 218 -0.98 -11.03 -0.69
N LEU A 219 -2.27 -10.95 -1.06
CA LEU A 219 -3.23 -10.05 -0.41
C LEU A 219 -4.20 -10.85 0.45
N LEU A 220 -4.40 -10.39 1.69
CA LEU A 220 -5.41 -10.96 2.58
C LEU A 220 -6.49 -9.92 2.85
N LEU A 221 -7.75 -10.33 2.67
CA LEU A 221 -8.91 -9.47 2.95
C LEU A 221 -9.64 -10.00 4.18
N ARG A 222 -9.79 -9.16 5.20
CA ARG A 222 -10.38 -9.60 6.47
C ARG A 222 -11.47 -8.63 6.90
N ALA A 223 -12.47 -9.14 7.60
CA ALA A 223 -13.41 -8.27 8.28
C ALA A 223 -12.74 -7.62 9.49
N VAL A 224 -13.08 -6.35 9.75
CA VAL A 224 -12.62 -5.65 10.95
C VAL A 224 -13.77 -5.13 11.80
N ARG A 225 -15.02 -5.39 11.40
CA ARG A 225 -16.21 -5.15 12.20
C ARG A 225 -17.12 -6.37 12.08
N ASP A 226 -18.15 -6.43 12.92
CA ASP A 226 -19.23 -7.37 12.64
C ASP A 226 -19.95 -6.94 11.37
N ILE A 227 -20.27 -7.90 10.51
CA ILE A 227 -20.94 -7.63 9.25
C ILE A 227 -22.13 -8.58 9.11
N GLU A 228 -23.29 -8.04 8.75
CA GLU A 228 -24.51 -8.82 8.59
C GLU A 228 -24.65 -9.34 7.16
N VAL A 229 -25.49 -10.36 7.00
CA VAL A 229 -25.77 -10.89 5.67
C VAL A 229 -26.33 -9.78 4.79
N GLY A 230 -25.81 -9.68 3.56
CA GLY A 230 -26.24 -8.69 2.60
C GLY A 230 -25.62 -7.32 2.75
N GLU A 231 -24.86 -7.08 3.83
CA GLU A 231 -24.21 -5.80 4.03
C GLU A 231 -22.99 -5.68 3.12
N GLU A 232 -22.85 -4.51 2.50
CA GLU A 232 -21.74 -4.27 1.60
C GLU A 232 -20.42 -4.26 2.35
N LEU A 233 -19.39 -4.85 1.75
CA LEU A 233 -18.03 -4.80 2.29
C LEU A 233 -17.30 -3.58 1.74
N THR A 234 -16.57 -2.88 2.60
CA THR A 234 -15.85 -1.68 2.22
C THR A 234 -14.45 -1.68 2.80
N ILE A 235 -13.53 -1.04 2.07
CA ILE A 235 -12.20 -0.77 2.58
C ILE A 235 -11.96 0.73 2.42
N CYS A 236 -11.00 1.24 3.16
CA CYS A 236 -10.61 2.64 2.97
C CYS A 236 -9.48 2.69 1.94
N TYR A 237 -9.74 3.36 0.81
CA TYR A 237 -8.72 3.46 -0.22
C TYR A 237 -7.55 4.36 0.18
N LEU A 238 -7.70 5.12 1.27
CA LEU A 238 -6.83 6.26 1.56
C LEU A 238 -6.12 6.10 2.90
N ASP A 239 -4.95 6.72 2.97
CA ASP A 239 -4.25 6.94 4.22
C ASP A 239 -5.19 7.62 5.24
N MET A 240 -5.16 7.13 6.49
CA MET A 240 -6.06 7.69 7.50
C MET A 240 -5.68 9.10 7.93
N LEU A 241 -4.41 9.47 7.78
CA LEU A 241 -3.91 10.77 8.20
C LEU A 241 -4.09 11.78 7.07
N MET A 242 -5.37 12.07 6.79
CA MET A 242 -5.80 12.95 5.71
C MET A 242 -7.05 13.68 6.17
N THR A 243 -7.16 14.96 5.86
CA THR A 243 -8.38 15.68 6.16
C THR A 243 -9.46 15.36 5.12
N SER A 244 -10.71 15.73 5.43
CA SER A 244 -11.81 15.55 4.49
C SER A 244 -11.55 16.29 3.17
N GLU A 245 -10.91 17.46 3.23
CA GLU A 245 -10.57 18.18 2.01
C GLU A 245 -9.56 17.40 1.18
N GLU A 246 -8.56 16.82 1.83
CA GLU A 246 -7.57 16.01 1.11
C GLU A 246 -8.20 14.74 0.57
N ARG A 247 -9.09 14.11 1.33
CA ARG A 247 -9.77 12.92 0.82
C ARG A 247 -10.63 13.29 -0.38
N ARG A 248 -11.33 14.41 -0.31
CA ARG A 248 -12.15 14.85 -1.45
C ARG A 248 -11.33 14.96 -2.72
N LYS A 249 -10.18 15.63 -2.62
CA LYS A 249 -9.35 15.82 -3.81
C LYS A 249 -8.89 14.49 -4.39
N GLN A 250 -8.42 13.55 -3.55
CA GLN A 250 -7.91 12.31 -4.11
C GLN A 250 -9.03 11.41 -4.63
N LEU A 251 -10.16 11.40 -3.95
CA LEU A 251 -11.25 10.55 -4.44
C LEU A 251 -11.82 11.09 -5.74
N ARG A 252 -11.83 12.40 -5.92
CA ARG A 252 -12.19 13.00 -7.21
C ARG A 252 -11.16 12.69 -8.29
N ASP A 253 -9.90 13.04 -8.03
CA ASP A 253 -8.85 12.97 -9.06
C ASP A 253 -8.57 11.55 -9.50
N GLN A 254 -8.54 10.61 -8.55
CA GLN A 254 -8.12 9.26 -8.88
C GLN A 254 -9.28 8.29 -9.07
N TYR A 255 -10.38 8.48 -8.33
CA TYR A 255 -11.50 7.54 -8.34
C TYR A 255 -12.80 8.12 -8.87
N CYS A 256 -12.82 9.39 -9.25
CA CYS A 256 -14.00 10.04 -9.85
C CYS A 256 -15.27 9.83 -9.05
N PHE A 257 -15.21 10.00 -7.73
CA PHE A 257 -16.48 10.06 -7.01
C PHE A 257 -16.38 11.03 -5.86
N GLU A 258 -17.55 11.44 -5.40
CA GLU A 258 -17.74 12.32 -4.25
C GLU A 258 -18.25 11.49 -3.09
N CYS A 259 -17.64 11.66 -1.92
CA CYS A 259 -18.05 10.91 -0.73
C CYS A 259 -18.95 11.77 0.14
N ASP A 260 -20.13 11.23 0.50
CA ASP A 260 -21.02 11.94 1.41
C ASP A 260 -21.24 11.15 2.69
N CYS A 261 -20.27 10.32 3.05
CA CYS A 261 -20.30 9.59 4.32
C CYS A 261 -20.34 10.57 5.50
N PHE A 262 -20.60 10.01 6.69
CA PHE A 262 -20.76 10.87 7.86
C PHE A 262 -19.48 11.65 8.14
N ARG A 263 -18.32 11.01 8.00
CA ARG A 263 -17.06 11.69 8.31
C ARG A 263 -16.83 12.86 7.36
N CYS A 264 -17.17 12.68 6.08
CA CYS A 264 -16.95 13.76 5.12
C CYS A 264 -17.98 14.87 5.31
N GLN A 265 -19.22 14.52 5.63
CA GLN A 265 -20.25 15.53 5.87
C GLN A 265 -19.93 16.41 7.09
N THR A 266 -19.31 15.85 8.12
CA THR A 266 -19.05 16.57 9.35
C THR A 266 -17.59 16.96 9.54
N GLN A 267 -16.73 16.71 8.55
CA GLN A 267 -15.31 17.02 8.66
C GLN A 267 -14.72 16.37 9.91
N ASP A 268 -15.11 15.12 10.13
CA ASP A 268 -14.74 14.37 11.32
C ASP A 268 -13.22 14.33 11.49
N LYS A 269 -12.76 14.81 12.65
CA LYS A 269 -11.35 14.87 13.06
C LYS A 269 -10.52 15.94 12.37
N ASP A 270 -11.05 16.64 11.36
CA ASP A 270 -10.25 17.63 10.64
C ASP A 270 -9.60 18.65 11.58
N ALA A 271 -10.39 19.20 12.51
CA ALA A 271 -9.87 20.25 13.36
C ALA A 271 -8.70 19.75 14.20
N ASP A 272 -8.83 18.54 14.77
CA ASP A 272 -7.76 17.99 15.58
C ASP A 272 -6.51 17.73 14.74
N MET A 273 -6.66 17.27 13.50
CA MET A 273 -5.43 16.98 12.78
C MET A 273 -4.71 18.23 12.28
N LEU A 274 -5.33 19.40 12.31
CA LEU A 274 -4.69 20.64 11.86
C LEU A 274 -4.43 21.59 13.03
N THR A 275 -4.20 21.05 14.22
CA THR A 275 -3.88 21.92 15.33
C THR A 275 -2.44 22.42 15.25
N GLY A 276 -2.17 23.52 15.95
CA GLY A 276 -0.89 24.20 15.84
C GLY A 276 -0.98 25.36 14.87
N ASP A 277 0.16 26.05 14.69
CA ASP A 277 0.16 27.24 13.86
C ASP A 277 0.16 26.87 12.38
N GLU A 278 -0.75 27.50 11.61
CA GLU A 278 -0.95 27.14 10.21
C GLU A 278 0.32 27.35 9.37
N GLN A 279 0.99 28.49 9.56
CA GLN A 279 2.21 28.75 8.81
C GLN A 279 3.25 27.67 9.06
N VAL A 280 3.33 27.17 10.30
CA VAL A 280 4.28 26.10 10.59
C VAL A 280 3.88 24.81 9.88
N TRP A 281 2.62 24.38 10.03
CA TRP A 281 2.34 23.06 9.45
C TRP A 281 2.25 23.11 7.93
N LYS A 282 1.94 24.27 7.33
CA LYS A 282 2.08 24.35 5.87
C LYS A 282 3.52 24.12 5.44
N GLU A 283 4.49 24.59 6.22
CA GLU A 283 5.89 24.36 5.86
C GLU A 283 6.28 22.90 6.04
N VAL A 284 5.83 22.28 7.13
CA VAL A 284 6.11 20.86 7.33
C VAL A 284 5.50 20.02 6.23
N GLN A 285 4.25 20.33 5.86
CA GLN A 285 3.60 19.61 4.77
C GLN A 285 4.44 19.71 3.49
N GLU A 286 5.02 20.89 3.25
CA GLU A 286 5.88 21.05 2.08
C GLU A 286 7.13 20.18 2.21
N SER A 287 7.82 20.24 3.36
CA SER A 287 9.02 19.44 3.56
C SER A 287 8.74 17.96 3.44
N LEU A 288 7.54 17.51 3.83
CA LEU A 288 7.21 16.09 3.77
C LEU A 288 7.22 15.54 2.36
N LYS A 289 6.97 16.38 1.35
CA LYS A 289 7.10 15.90 -0.03
C LYS A 289 8.51 15.38 -0.28
N LYS A 290 9.52 16.14 0.13
CA LYS A 290 10.89 15.69 -0.02
C LYS A 290 11.21 14.54 0.93
N ILE A 291 10.75 14.62 2.18
CA ILE A 291 11.02 13.52 3.12
C ILE A 291 10.45 12.21 2.59
N GLU A 292 9.22 12.25 2.10
CA GLU A 292 8.58 11.03 1.62
C GLU A 292 9.21 10.53 0.33
N GLU A 293 9.73 11.43 -0.51
CA GLU A 293 10.48 11.01 -1.68
C GLU A 293 11.75 10.25 -1.28
N LEU A 294 12.49 10.80 -0.31
CA LEU A 294 13.70 10.15 0.17
C LEU A 294 13.38 8.81 0.82
N LYS A 295 12.31 8.74 1.62
CA LYS A 295 11.94 7.48 2.23
C LYS A 295 11.62 6.43 1.19
N ALA A 296 10.93 6.84 0.11
CA ALA A 296 10.58 5.90 -0.96
C ALA A 296 11.79 5.36 -1.67
N HIS A 297 12.93 6.06 -1.61
CA HIS A 297 14.18 5.53 -2.14
C HIS A 297 15.09 5.00 -1.04
N TRP A 298 14.55 4.77 0.15
CA TRP A 298 15.26 4.12 1.25
C TRP A 298 16.52 4.91 1.68
N LYS A 299 16.45 6.24 1.57
CA LYS A 299 17.56 7.13 1.93
C LYS A 299 17.42 7.59 3.38
N TRP A 300 17.67 6.63 4.29
CA TRP A 300 17.29 6.82 5.69
C TRP A 300 18.06 7.94 6.37
N GLU A 301 19.37 8.05 6.13
CA GLU A 301 20.15 9.09 6.80
C GLU A 301 19.65 10.48 6.39
N GLN A 302 19.26 10.64 5.12
CA GLN A 302 18.75 11.94 4.68
C GLN A 302 17.36 12.19 5.24
N VAL A 303 16.53 11.15 5.32
CA VAL A 303 15.21 11.29 5.96
C VAL A 303 15.38 11.80 7.39
N LEU A 304 16.25 11.15 8.16
CA LEU A 304 16.39 11.49 9.57
C LEU A 304 16.87 12.91 9.75
N ALA A 305 17.82 13.34 8.90
CA ALA A 305 18.32 14.70 8.98
C ALA A 305 17.20 15.71 8.79
N MET A 306 16.34 15.49 7.78
CA MET A 306 15.24 16.41 7.53
C MET A 306 14.24 16.39 8.67
N CYS A 307 13.92 15.20 9.19
CA CYS A 307 12.94 15.08 10.26
C CYS A 307 13.44 15.73 11.55
N GLN A 308 14.71 15.52 11.89
CA GLN A 308 15.25 16.12 13.10
C GLN A 308 15.20 17.64 13.04
N ALA A 309 15.40 18.21 11.86
CA ALA A 309 15.31 19.66 11.70
C ALA A 309 13.91 20.18 12.02
N ILE A 310 12.90 19.34 11.91
CA ILE A 310 11.53 19.73 12.25
C ILE A 310 11.21 19.41 13.69
N ILE A 311 11.47 18.17 14.11
CA ILE A 311 11.08 17.72 15.45
C ILE A 311 11.81 18.52 16.52
N SER A 312 13.08 18.83 16.28
CA SER A 312 13.90 19.59 17.23
C SER A 312 14.23 20.98 16.67
N SER A 313 13.28 21.59 15.97
CA SER A 313 13.52 22.88 15.35
C SER A 313 13.79 23.96 16.40
N ASN A 314 14.67 24.90 16.04
CA ASN A 314 14.84 26.09 16.88
C ASN A 314 13.62 27.00 16.83
N SER A 315 12.83 26.92 15.77
CA SER A 315 11.64 27.75 15.58
C SER A 315 10.40 26.99 16.07
N GLU A 316 9.21 27.54 15.79
CA GLU A 316 7.98 27.07 16.41
C GLU A 316 7.70 25.62 16.03
N ARG A 317 7.16 24.86 16.97
CA ARG A 317 6.90 23.43 16.79
C ARG A 317 5.40 23.16 16.79
N LEU A 318 5.05 21.94 16.32
CA LEU A 318 3.68 21.50 16.20
C LEU A 318 3.34 20.45 17.25
N PRO A 319 2.07 20.37 17.68
CA PRO A 319 1.66 19.24 18.52
C PRO A 319 1.73 17.93 17.75
N ASP A 320 1.93 16.84 18.49
CA ASP A 320 2.11 15.54 17.85
C ASP A 320 0.82 15.02 17.22
N ILE A 321 -0.34 15.59 17.58
CA ILE A 321 -1.57 15.17 16.91
C ILE A 321 -1.80 15.91 15.60
N ASN A 322 -0.99 16.92 15.27
CA ASN A 322 -1.04 17.48 13.93
C ASN A 322 -0.55 16.43 12.93
N ILE A 323 -1.29 16.21 11.84
CA ILE A 323 -1.02 15.02 11.03
C ILE A 323 0.31 15.13 10.31
N TYR A 324 0.75 16.35 9.98
CA TYR A 324 2.02 16.50 9.29
C TYR A 324 3.17 16.28 10.26
N GLN A 325 3.06 16.83 11.48
CA GLN A 325 4.03 16.50 12.53
C GLN A 325 4.06 15.00 12.81
N LEU A 326 2.89 14.36 12.88
CA LEU A 326 2.82 12.92 13.12
C LEU A 326 3.55 12.14 12.03
N LYS A 327 3.35 12.50 10.77
CA LYS A 327 4.04 11.79 9.69
C LYS A 327 5.54 11.97 9.79
N VAL A 328 6.00 13.16 10.19
CA VAL A 328 7.44 13.37 10.39
C VAL A 328 7.96 12.50 11.53
N LEU A 329 7.23 12.43 12.64
CA LEU A 329 7.65 11.53 13.71
C LEU A 329 7.76 10.09 13.22
N ASP A 330 6.77 9.64 12.44
CA ASP A 330 6.79 8.26 11.99
CA ASP A 330 6.76 8.26 11.94
C ASP A 330 7.95 8.00 11.03
N CYS A 331 8.22 8.93 10.12
CA CYS A 331 9.38 8.81 9.24
C CYS A 331 10.68 8.76 10.03
N ALA A 332 10.80 9.64 11.03
CA ALA A 332 12.02 9.65 11.84
C ALA A 332 12.20 8.34 12.60
N MET A 333 11.11 7.80 13.18
CA MET A 333 11.19 6.52 13.85
C MET A 333 11.69 5.43 12.89
N ASP A 334 11.08 5.33 11.71
CA ASP A 334 11.49 4.30 10.75
C ASP A 334 12.93 4.50 10.30
N ALA A 335 13.34 5.74 10.06
CA ALA A 335 14.74 5.99 9.73
C ALA A 335 15.65 5.52 10.85
N CYS A 336 15.31 5.84 12.10
CA CYS A 336 16.14 5.44 13.23
C CYS A 336 16.23 3.92 13.35
N ILE A 337 15.13 3.22 13.10
CA ILE A 337 15.15 1.76 13.22
C ILE A 337 16.14 1.18 12.22
N ASN A 338 16.04 1.62 10.96
CA ASN A 338 16.92 1.09 9.91
C ASN A 338 18.36 1.54 10.08
N LEU A 339 18.61 2.58 10.85
CA LEU A 339 19.96 3.04 11.14
C LEU A 339 20.49 2.54 12.48
N GLY A 340 19.70 1.74 13.20
CA GLY A 340 20.13 1.21 14.48
C GLY A 340 20.14 2.19 15.63
N LEU A 341 19.51 3.36 15.48
CA LEU A 341 19.39 4.34 16.57
C LEU A 341 18.12 4.03 17.35
N LEU A 342 18.21 3.00 18.20
CA LEU A 342 17.00 2.41 18.76
C LEU A 342 16.43 3.23 19.91
N GLU A 343 17.29 3.90 20.68
CA GLU A 343 16.77 4.77 21.75
C GLU A 343 16.01 5.94 21.15
N GLU A 344 16.55 6.53 20.08
CA GLU A 344 15.87 7.64 19.41
C GLU A 344 14.63 7.16 18.68
N ALA A 345 14.67 5.97 18.06
CA ALA A 345 13.48 5.43 17.43
C ALA A 345 12.35 5.29 18.44
N LEU A 346 12.67 4.79 19.64
CA LEU A 346 11.65 4.61 20.66
C LEU A 346 11.05 5.94 21.08
N PHE A 347 11.88 6.98 21.20
CA PHE A 347 11.38 8.29 21.58
C PHE A 347 10.33 8.79 20.59
N TYR A 348 10.66 8.77 19.28
CA TYR A 348 9.69 9.16 18.27
C TYR A 348 8.50 8.22 18.24
N GLY A 349 8.75 6.91 18.26
CA GLY A 349 7.65 5.95 18.21
C GLY A 349 6.66 6.10 19.35
N THR A 350 7.15 6.29 20.57
CA THR A 350 6.22 6.42 21.68
CA THR A 350 6.25 6.46 21.71
C THR A 350 5.38 7.70 21.55
N ARG A 351 5.94 8.77 20.99
CA ARG A 351 5.15 9.98 20.77
C ARG A 351 4.02 9.75 19.78
N THR A 352 4.13 8.76 18.88
CA THR A 352 3.05 8.54 17.92
C THR A 352 1.90 7.71 18.47
N MET A 353 2.06 7.08 19.65
CA MET A 353 1.09 6.10 20.12
C MET A 353 -0.28 6.71 20.35
N GLU A 354 -0.34 7.82 21.09
CA GLU A 354 -1.66 8.37 21.38
C GLU A 354 -2.29 8.96 20.12
N PRO A 355 -1.57 9.72 19.29
CA PRO A 355 -2.20 10.16 18.03
C PRO A 355 -2.67 8.99 17.17
N TYR A 356 -1.92 7.90 17.11
CA TYR A 356 -2.37 6.75 16.32
C TYR A 356 -3.64 6.12 16.92
N ARG A 357 -3.75 6.11 18.24
CA ARG A 357 -4.98 5.60 18.85
C ARG A 357 -6.19 6.39 18.38
N ILE A 358 -6.02 7.72 18.28
CA ILE A 358 -7.13 8.60 17.90
C ILE A 358 -7.46 8.47 16.42
N PHE A 359 -6.44 8.38 15.57
CA PHE A 359 -6.68 8.50 14.14
C PHE A 359 -6.86 7.15 13.45
N PHE A 360 -6.60 6.04 14.13
CA PHE A 360 -6.79 4.70 13.59
C PHE A 360 -7.75 3.94 14.48
N PRO A 361 -9.02 4.34 14.51
CA PRO A 361 -9.98 3.71 15.41
C PRO A 361 -10.25 2.25 15.06
N GLY A 362 -10.66 1.50 16.07
CA GLY A 362 -10.97 0.09 15.86
C GLY A 362 -9.71 -0.71 15.63
N SER A 363 -9.75 -1.58 14.63
CA SER A 363 -8.62 -2.44 14.27
C SER A 363 -8.14 -2.03 12.88
N HIS A 364 -6.95 -1.41 12.83
CA HIS A 364 -6.37 -0.96 11.58
C HIS A 364 -4.95 -1.51 11.50
N PRO A 365 -4.56 -2.12 10.38
CA PRO A 365 -3.23 -2.75 10.34
C PRO A 365 -2.09 -1.78 10.56
N VAL A 366 -2.24 -0.51 10.15
CA VAL A 366 -1.14 0.44 10.31
C VAL A 366 -0.88 0.71 11.78
N ARG A 367 -1.95 0.82 12.58
CA ARG A 367 -1.74 0.99 14.01
C ARG A 367 -1.17 -0.29 14.62
N GLY A 368 -1.69 -1.45 14.25
CA GLY A 368 -1.15 -2.70 14.77
C GLY A 368 0.35 -2.79 14.59
N VAL A 369 0.84 -2.47 13.38
CA VAL A 369 2.26 -2.58 13.08
C VAL A 369 3.05 -1.53 13.85
N GLN A 370 2.50 -0.31 13.98
CA GLN A 370 3.20 0.72 14.74
C GLN A 370 3.39 0.30 16.19
N VAL A 371 2.33 -0.23 16.80
CA VAL A 371 2.41 -0.68 18.20
C VAL A 371 3.41 -1.81 18.33
N MET A 372 3.43 -2.73 17.36
CA MET A 372 4.39 -3.82 17.40
C MET A 372 5.82 -3.30 17.34
N LYS A 373 6.08 -2.31 16.47
CA LYS A 373 7.42 -1.74 16.41
C LYS A 373 7.83 -1.14 17.75
N VAL A 374 6.89 -0.46 18.42
CA VAL A 374 7.22 0.19 19.69
C VAL A 374 7.48 -0.85 20.78
N GLY A 375 6.62 -1.86 20.84
CA GLY A 375 6.86 -2.95 21.77
C GLY A 375 8.18 -3.65 21.50
N LYS A 376 8.51 -3.86 20.23
CA LYS A 376 9.77 -4.52 19.92
C LYS A 376 10.95 -3.66 20.34
N LEU A 377 10.86 -2.34 20.15
CA LEU A 377 11.92 -1.47 20.64
C LEU A 377 12.03 -1.52 22.16
N GLN A 378 10.88 -1.51 22.85
CA GLN A 378 10.94 -1.59 24.32
C GLN A 378 11.45 -2.94 24.78
N LEU A 379 11.17 -4.00 24.04
CA LEU A 379 11.63 -5.32 24.47
C LEU A 379 13.15 -5.40 24.42
N HIS A 380 13.77 -4.85 23.38
CA HIS A 380 15.22 -4.95 23.26
C HIS A 380 15.95 -3.93 24.12
N GLN A 381 15.22 -3.00 24.73
CA GLN A 381 15.80 -2.10 25.72
C GLN A 381 15.53 -2.58 27.15
N GLY A 382 14.94 -3.76 27.32
CA GLY A 382 14.73 -4.30 28.64
C GLY A 382 13.52 -3.80 29.39
N MET A 383 12.65 -3.02 28.75
CA MET A 383 11.45 -2.50 29.41
C MET A 383 10.32 -3.52 29.24
N PHE A 384 10.39 -4.58 30.05
CA PHE A 384 9.52 -5.73 29.80
C PHE A 384 8.06 -5.48 30.10
N PRO A 385 7.66 -4.90 31.24
CA PRO A 385 6.23 -4.65 31.43
C PRO A 385 5.63 -3.76 30.36
N GLN A 386 6.34 -2.71 29.97
CA GLN A 386 5.83 -1.81 28.92
C GLN A 386 5.78 -2.54 27.59
N ALA A 387 6.86 -3.24 27.24
CA ALA A 387 6.89 -4.01 26.00
C ALA A 387 5.72 -4.98 25.94
N MET A 388 5.49 -5.73 27.01
CA MET A 388 4.45 -6.75 26.99
C MET A 388 3.07 -6.13 26.79
N LYS A 389 2.82 -4.99 27.43
CA LYS A 389 1.53 -4.30 27.24
C LYS A 389 1.33 -3.94 25.77
N ASN A 390 2.38 -3.40 25.13
CA ASN A 390 2.25 -3.00 23.73
C ASN A 390 2.22 -4.19 22.81
N LEU A 391 3.04 -5.21 23.07
CA LEU A 391 2.98 -6.41 22.26
C LEU A 391 1.61 -7.09 22.34
N ARG A 392 0.99 -7.09 23.52
CA ARG A 392 -0.35 -7.66 23.63
C ARG A 392 -1.36 -6.80 22.89
N LEU A 393 -1.19 -5.48 22.92
CA LEU A 393 -2.08 -4.59 22.18
C LEU A 393 -1.92 -4.79 20.68
N ALA A 394 -0.69 -4.90 20.20
CA ALA A 394 -0.45 -5.19 18.79
C ALA A 394 -1.10 -6.51 18.40
N PHE A 395 -1.03 -7.51 19.27
CA PHE A 395 -1.66 -8.79 18.96
C PHE A 395 -3.18 -8.66 18.93
N ASP A 396 -3.76 -7.89 19.86
CA ASP A 396 -5.20 -7.66 19.84
C ASP A 396 -5.64 -7.03 18.53
N ILE A 397 -4.83 -6.11 17.98
CA ILE A 397 -5.18 -5.50 16.70
C ILE A 397 -4.88 -6.46 15.55
N MET A 398 -3.69 -7.04 15.54
CA MET A 398 -3.25 -7.78 14.36
C MET A 398 -3.88 -9.17 14.27
N ARG A 399 -4.38 -9.73 15.37
CA ARG A 399 -5.18 -10.94 15.22
C ARG A 399 -6.39 -10.68 14.34
N VAL A 400 -6.89 -9.44 14.34
CA VAL A 400 -8.00 -9.04 13.49
C VAL A 400 -7.53 -8.65 12.10
N THR A 401 -6.49 -7.81 12.02
CA THR A 401 -6.13 -7.22 10.74
C THR A 401 -5.21 -8.10 9.89
N HIS A 402 -4.37 -8.92 10.52
CA HIS A 402 -3.38 -9.74 9.85
C HIS A 402 -3.73 -11.21 9.87
N GLY A 403 -3.97 -11.76 11.07
CA GLY A 403 -4.44 -13.11 11.19
C GLY A 403 -3.35 -14.16 11.08
N ARG A 404 -3.76 -15.40 11.34
CA ARG A 404 -2.82 -16.53 11.35
C ARG A 404 -2.12 -16.70 10.01
N GLU A 405 -2.79 -16.33 8.91
CA GLU A 405 -2.25 -16.53 7.58
C GLU A 405 -1.13 -15.56 7.24
N HIS A 406 -0.94 -14.52 8.03
CA HIS A 406 0.11 -13.53 7.81
C HIS A 406 1.34 -13.87 8.64
N SER A 407 2.50 -13.91 7.99
CA SER A 407 3.73 -14.33 8.66
C SER A 407 4.13 -13.40 9.79
N LEU A 408 3.71 -12.13 9.76
CA LEU A 408 4.08 -11.22 10.84
C LEU A 408 3.49 -11.62 12.18
N ILE A 409 2.36 -12.33 12.16
CA ILE A 409 1.73 -12.79 13.38
C ILE A 409 2.61 -13.83 14.07
N GLU A 410 3.25 -14.70 13.29
CA GLU A 410 4.21 -15.63 13.87
C GLU A 410 5.39 -14.88 14.50
N ASP A 411 5.88 -13.83 13.85
CA ASP A 411 6.95 -13.03 14.45
C ASP A 411 6.50 -12.42 15.77
N LEU A 412 5.25 -11.96 15.83
CA LEU A 412 4.75 -11.29 17.02
C LEU A 412 4.61 -12.28 18.17
N ILE A 413 4.16 -13.50 17.87
CA ILE A 413 4.03 -14.53 18.89
C ILE A 413 5.40 -14.82 19.52
N LEU A 414 6.46 -14.81 18.72
CA LEU A 414 7.80 -15.06 19.26
C LEU A 414 8.24 -13.92 20.16
N LEU A 415 7.90 -12.67 19.82
CA LEU A 415 8.22 -11.55 20.70
C LEU A 415 7.45 -11.63 22.01
N LEU A 416 6.17 -12.03 21.95
CA LEU A 416 5.36 -12.15 23.15
C LEU A 416 5.92 -13.23 24.07
N GLU A 417 6.34 -14.37 23.51
CA GLU A 417 6.90 -15.44 24.32
C GLU A 417 8.23 -15.03 24.94
N GLU A 418 9.09 -14.37 24.17
CA GLU A 418 10.38 -13.91 24.71
C GLU A 418 10.17 -12.89 25.83
N CYS A 419 9.24 -11.95 25.63
CA CYS A 419 8.99 -10.96 26.66
C CYS A 419 8.31 -11.59 27.88
N ASP A 420 7.41 -12.54 27.67
CA ASP A 420 6.77 -13.22 28.80
C ASP A 420 7.80 -14.01 29.60
N ALA A 421 8.72 -14.68 28.92
CA ALA A 421 9.78 -15.42 29.60
C ALA A 421 10.65 -14.49 30.44
N ASN A 422 10.88 -13.26 29.97
CA ASN A 422 11.65 -12.32 30.76
C ASN A 422 10.89 -11.91 32.00
N ILE A 423 9.59 -11.70 31.89
CA ILE A 423 8.78 -11.29 33.03
C ILE A 423 8.65 -12.44 34.04
ZN ZN B . 15.68 -9.48 -17.60
ZN ZN C . 12.82 -13.16 -3.53
ZN ZN D . -16.12 9.92 3.30
CAA 8HF E . -0.49 -0.66 1.63
CAB 8HF E . -1.79 -0.94 1.23
CAC 8HF E . -2.86 -0.18 1.70
CAD 8HF E . -2.58 0.96 2.43
CAE 8HF E . -1.29 1.21 2.91
CAF 8HF E . -0.24 0.42 2.48
CAH 8HF E . 0.21 2.55 4.15
CAI 8HF E . 1.28 1.79 3.72
CAJ 8HF E . 1.06 0.71 2.88
CAK 8HF E . 0.41 3.65 4.98
CAL 8HF E . -0.59 4.59 5.18
CAM 8HF E . -0.37 5.69 6.00
CAN 8HF E . 0.86 5.88 6.63
CAO 8HF E . 1.88 4.94 6.43
CAP 8HF E . 1.65 3.85 5.58
CAQ 8HF E . 1.06 7.00 7.46
CAR 8HF E . 0.38 6.69 8.79
CAS 8HF E . 2.54 7.25 7.71
CAV 8HF E . -4.12 -0.53 1.20
CAY 8HF E . -4.97 1.62 0.31
CAZ 8HF E . -4.97 1.44 -1.25
CBB 8HF E . -6.56 -0.40 -1.08
CBC 8HF E . -6.49 -0.16 0.41
CBD 8HF E . -6.80 1.18 -2.91
CBE 8HF E . -3.82 0.57 -1.78
CBH 8HF E . -8.43 1.25 -4.49
CBI 8HF E . -7.98 0.54 -5.76
CBJ 8HF E . -8.58 -0.84 -5.78
NAG 8HF E . -1.04 2.27 3.70
NAW 8HF E . -5.16 0.29 0.94
NBA 8HF E . -6.23 0.84 -1.76
OAT 8HF E . 0.49 8.18 6.87
OAX 8HF E . -4.42 -1.65 1.57
OBF 8HF E . -7.97 0.59 -3.30
OBG 8HF E . -6.39 2.19 -3.48
N SAM F . -17.68 0.02 -8.02
CA SAM F . -16.51 -0.55 -8.69
C SAM F . -16.92 -1.36 -9.90
O SAM F . -18.08 -1.31 -10.32
OXT SAM F . -16.08 -2.06 -10.48
CB SAM F . -15.70 -1.40 -7.70
CG SAM F . -14.68 -0.56 -6.91
SD SAM F . -13.38 0.13 -7.97
CE SAM F . -11.87 -0.35 -7.09
C5' SAM F . -13.40 1.89 -7.54
C4' SAM F . -14.53 2.66 -8.20
O4' SAM F . -15.76 2.35 -7.55
C3' SAM F . -14.38 4.18 -8.06
O3' SAM F . -13.57 4.78 -9.04
C2' SAM F . -15.81 4.65 -8.14
O2' SAM F . -16.28 4.51 -9.47
C1' SAM F . -16.51 3.55 -7.40
N9 SAM F . -16.60 3.78 -5.94
C8 SAM F . -15.83 3.14 -4.99
N7 SAM F . -16.24 3.55 -3.78
C5 SAM F . -17.27 4.43 -3.92
C6 SAM F . -18.04 5.15 -3.03
N6 SAM F . -17.89 5.10 -1.70
N1 SAM F . -19.01 5.97 -3.53
C2 SAM F . -19.24 6.09 -4.89
N3 SAM F . -18.49 5.37 -5.78
C4 SAM F . -17.51 4.56 -5.30
#